data_3D02
#
_entry.id   3D02
#
_cell.length_a   66.240
_cell.length_b   76.960
_cell.length_c   113.980
_cell.angle_alpha   90.000
_cell.angle_beta   90.000
_cell.angle_gamma   90.000
#
_symmetry.space_group_name_H-M   'C 2 2 21'
#
loop_
_entity.id
_entity.type
_entity.pdbx_description
1 polymer 'Putative LACI-type transcriptional regulator'
2 non-polymer 'CHLORIDE ION'
3 non-polymer GLYCEROL
4 water water
#
_entity_poly.entity_id   1
_entity_poly.type   'polypeptide(L)'
_entity_poly.pdbx_seq_one_letter_code
;GAAEKTVVNISKVDG(MSE)PWFNR(MSE)GEGVVQAGKEFNLNASQVGPSSTDAPQQVKIIEDLIARKVDAITIVPNDA
NVLEPVFKKARDAGIVVLTNESPGQPSANWDVEIIDNEKFAAEYVEH(MSE)AKR(MSE)GGKGGYVIYVGSLTVPQHNL
WADLLVKYQKEHYPD(MSE)HEVTRR(MSE)PVAESVDDSRRTTLDL(MSE)KTYPDLKAVVSFGSNGPIGAGRAVKEKR
AKNKVAVYG(MSE)(MSE)IPSQAASLIKSGDITEGITYDPATAGYALAAVASTLLNGKTIEPGFELKELGKAEVDSDKH
IIRFHKVLLVNKDNIDSLY
;
_entity_poly.pdbx_strand_id   A
#
loop_
_chem_comp.id
_chem_comp.type
_chem_comp.name
_chem_comp.formula
CL non-polymer 'CHLORIDE ION' 'Cl -1'
GOL non-polymer GLYCEROL 'C3 H8 O3'
#
# COMPACT_ATOMS: atom_id res chain seq x y z
N GLU A 4 -27.25 9.37 10.09
CA GLU A 4 -26.25 8.24 10.08
C GLU A 4 -24.91 8.74 10.61
N LYS A 5 -24.12 7.82 11.17
CA LYS A 5 -22.74 8.08 11.58
C LYS A 5 -21.91 8.48 10.35
N THR A 6 -21.02 9.45 10.57
N THR A 6 -21.00 9.41 10.54
CA THR A 6 -20.17 10.01 9.51
CA THR A 6 -20.17 9.91 9.44
C THR A 6 -18.77 9.35 9.61
C THR A 6 -18.72 9.48 9.57
N VAL A 7 -18.31 8.81 8.48
N VAL A 7 -18.28 8.66 8.59
CA VAL A 7 -16.98 8.19 8.37
CA VAL A 7 -16.89 8.22 8.47
C VAL A 7 -16.33 8.83 7.14
C VAL A 7 -16.28 8.65 7.15
N VAL A 8 -15.11 9.31 7.30
CA VAL A 8 -14.40 9.93 6.17
C VAL A 8 -13.01 9.26 6.05
N ASN A 9 -12.76 8.69 4.90
CA ASN A 9 -11.44 8.16 4.55
C ASN A 9 -10.62 9.21 3.84
N ILE A 10 -9.30 9.18 4.07
CA ILE A 10 -8.35 10.11 3.47
C ILE A 10 -7.25 9.31 2.76
N SER A 11 -7.14 9.45 1.45
CA SER A 11 -6.12 8.74 0.70
C SER A 11 -4.74 9.45 0.84
N LYS A 12 -3.70 8.86 0.21
CA LYS A 12 -2.42 9.55 0.17
C LYS A 12 -2.45 10.79 -0.72
N VAL A 13 -3.15 10.71 -1.85
CA VAL A 13 -3.18 11.78 -2.84
C VAL A 13 -4.29 11.42 -3.84
N ASP A 14 -4.92 12.47 -4.36
CA ASP A 14 -5.97 12.34 -5.38
C ASP A 14 -5.39 12.08 -6.79
N GLY A 15 -6.23 11.65 -7.70
CA GLY A 15 -5.84 11.46 -9.08
C GLY A 15 -5.16 10.17 -9.37
N MSE A 16 -5.35 9.12 -8.56
N MSE A 16 -5.37 9.15 -8.53
CA MSE A 16 -4.70 7.86 -8.85
CA MSE A 16 -4.71 7.84 -8.67
C MSE A 16 -5.68 6.75 -8.89
C MSE A 16 -5.72 6.71 -8.85
O MSE A 16 -6.50 6.61 -7.97
O MSE A 16 -6.59 6.53 -8.01
CB MSE A 16 -3.73 7.53 -7.75
CB MSE A 16 -3.97 7.53 -7.37
CG MSE A 16 -2.67 8.57 -7.54
CG MSE A 16 -2.86 8.47 -6.98
SE MSE A 16 -1.15 7.79 -6.49
SE MSE A 16 -1.33 8.23 -8.16
CE MSE A 16 -1.59 5.94 -6.54
CE MSE A 16 -0.78 6.50 -7.64
N PRO A 17 -5.57 5.89 -9.90
CA PRO A 17 -6.44 4.73 -10.02
C PRO A 17 -6.48 3.89 -8.75
N TRP A 18 -5.34 3.73 -8.04
CA TRP A 18 -5.30 2.97 -6.81
C TRP A 18 -6.27 3.50 -5.76
N PHE A 19 -6.22 4.82 -5.52
CA PHE A 19 -7.08 5.38 -4.52
C PHE A 19 -8.52 5.55 -4.97
N ASN A 20 -8.75 5.66 -6.27
CA ASN A 20 -10.13 5.61 -6.78
C ASN A 20 -10.76 4.29 -6.48
N ARG A 21 -10.03 3.21 -6.67
CA ARG A 21 -10.50 1.88 -6.32
C ARG A 21 -10.75 1.77 -4.80
N MSE A 22 -9.87 2.30 -3.98
N MSE A 22 -9.89 2.34 -3.97
CA MSE A 22 -10.11 2.33 -2.56
CA MSE A 22 -10.10 2.33 -2.54
C MSE A 22 -11.47 2.97 -2.24
C MSE A 22 -11.44 3.02 -2.16
O MSE A 22 -12.27 2.43 -1.50
O MSE A 22 -12.16 2.60 -1.26
CB MSE A 22 -9.00 3.10 -1.84
CB MSE A 22 -8.96 3.06 -1.81
CG MSE A 22 -9.22 3.17 -0.32
CG MSE A 22 -9.00 2.83 -0.30
SE MSE A 22 -7.56 3.55 0.58
SE MSE A 22 -7.62 3.83 0.67
CE MSE A 22 -6.80 1.81 0.58
CE MSE A 22 -7.83 2.84 2.34
N GLY A 23 -11.72 4.11 -2.86
CA GLY A 23 -12.96 4.86 -2.61
C GLY A 23 -14.16 4.03 -2.96
N GLU A 24 -14.13 3.22 -3.99
CA GLU A 24 -15.25 2.33 -4.26
C GLU A 24 -15.55 1.48 -3.03
N GLY A 25 -14.54 0.95 -2.34
CA GLY A 25 -14.79 0.13 -1.15
C GLY A 25 -15.36 0.91 0.00
N VAL A 26 -14.93 2.15 0.18
CA VAL A 26 -15.47 3.03 1.19
C VAL A 26 -16.97 3.27 0.96
N VAL A 27 -17.28 3.63 -0.26
CA VAL A 27 -18.69 3.89 -0.65
C VAL A 27 -19.54 2.63 -0.45
N GLN A 28 -19.01 1.50 -0.80
CA GLN A 28 -19.73 0.20 -0.64
C GLN A 28 -19.98 -0.06 0.87
N ALA A 29 -18.98 0.13 1.71
CA ALA A 29 -19.20 -0.06 3.15
C ALA A 29 -20.24 0.93 3.66
N GLY A 30 -20.26 2.15 3.16
CA GLY A 30 -21.27 3.11 3.62
C GLY A 30 -22.67 2.57 3.35
N LYS A 31 -22.88 1.95 2.20
CA LYS A 31 -24.20 1.33 1.92
C LYS A 31 -24.50 0.23 2.89
N GLU A 32 -23.55 -0.66 3.10
CA GLU A 32 -23.76 -1.88 3.89
C GLU A 32 -23.93 -1.61 5.36
N PHE A 33 -23.24 -0.61 5.90
CA PHE A 33 -23.23 -0.34 7.33
C PHE A 33 -24.03 0.87 7.73
N ASN A 34 -24.81 1.42 6.82
N ASN A 34 -24.77 1.38 6.75
CA ASN A 34 -25.60 2.60 7.14
CA ASN A 34 -25.59 2.57 6.88
C ASN A 34 -24.74 3.73 7.66
C ASN A 34 -24.86 3.78 7.47
N LEU A 35 -23.70 4.06 6.87
CA LEU A 35 -22.86 5.17 7.22
C LEU A 35 -22.97 6.25 6.18
N ASN A 36 -22.74 7.48 6.59
CA ASN A 36 -22.50 8.59 5.69
C ASN A 36 -20.97 8.57 5.45
N ALA A 37 -20.59 7.91 4.39
CA ALA A 37 -19.16 7.66 4.09
C ALA A 37 -18.72 8.43 2.88
N SER A 38 -17.46 8.84 2.91
CA SER A 38 -16.88 9.56 1.78
C SER A 38 -15.37 9.38 1.86
N GLN A 39 -14.71 9.72 0.77
CA GLN A 39 -13.23 9.71 0.73
C GLN A 39 -12.74 11.02 0.15
N VAL A 40 -11.79 11.62 0.84
N VAL A 40 -11.80 11.66 0.83
CA VAL A 40 -11.12 12.85 0.46
CA VAL A 40 -11.17 12.87 0.33
C VAL A 40 -9.71 12.50 -0.05
C VAL A 40 -9.71 12.63 -0.02
N GLY A 41 -9.39 12.94 -1.27
CA GLY A 41 -8.02 12.83 -1.77
C GLY A 41 -7.28 14.11 -1.63
N PRO A 42 -6.14 14.12 -0.92
CA PRO A 42 -5.33 15.30 -0.80
C PRO A 42 -4.77 15.78 -2.15
N SER A 43 -4.40 17.06 -2.22
CA SER A 43 -3.90 17.57 -3.46
C SER A 43 -2.48 17.14 -3.81
N SER A 44 -1.76 16.69 -2.79
CA SER A 44 -0.40 16.16 -2.98
C SER A 44 -0.09 15.19 -1.87
N THR A 45 1.05 14.48 -1.97
CA THR A 45 1.49 13.58 -0.94
C THR A 45 2.21 14.26 0.22
N ASP A 46 2.28 15.58 0.24
N ASP A 46 2.25 15.58 0.24
CA ASP A 46 2.92 16.25 1.37
CA ASP A 46 2.89 16.29 1.37
C ASP A 46 2.03 16.08 2.60
C ASP A 46 2.01 16.08 2.60
N ALA A 47 2.58 15.54 3.68
CA ALA A 47 1.78 15.18 4.82
C ALA A 47 0.99 16.33 5.47
N PRO A 48 1.50 17.57 5.42
CA PRO A 48 0.63 18.64 5.95
C PRO A 48 -0.69 18.79 5.28
N GLN A 49 -0.84 18.36 4.03
CA GLN A 49 -2.14 18.42 3.40
C GLN A 49 -3.11 17.47 4.11
N GLN A 50 -2.66 16.30 4.54
CA GLN A 50 -3.51 15.41 5.34
C GLN A 50 -3.85 16.00 6.70
N VAL A 51 -2.89 16.69 7.31
CA VAL A 51 -3.14 17.34 8.59
C VAL A 51 -4.27 18.36 8.42
N LYS A 52 -4.21 19.19 7.39
N LYS A 52 -4.24 19.11 7.33
CA LYS A 52 -5.25 20.20 7.18
CA LYS A 52 -5.22 20.19 7.07
C LYS A 52 -6.62 19.55 7.04
C LYS A 52 -6.63 19.65 6.90
N ILE A 53 -6.74 18.51 6.23
CA ILE A 53 -8.02 17.82 6.03
C ILE A 53 -8.53 17.35 7.38
N ILE A 54 -7.67 16.75 8.19
CA ILE A 54 -8.09 16.22 9.50
C ILE A 54 -8.53 17.35 10.42
N GLU A 55 -7.85 18.48 10.40
N GLU A 55 -7.82 18.46 10.42
CA GLU A 55 -8.33 19.59 11.22
CA GLU A 55 -8.23 19.58 11.27
C GLU A 55 -9.78 19.95 10.83
C GLU A 55 -9.63 20.09 10.89
N ASP A 56 -10.07 20.09 9.53
N ASP A 56 -10.01 19.93 9.62
CA ASP A 56 -11.44 20.37 9.09
CA ASP A 56 -11.35 20.34 9.19
C ASP A 56 -12.46 19.29 9.50
C ASP A 56 -12.39 19.32 9.67
N LEU A 57 -12.05 18.04 9.50
CA LEU A 57 -12.94 16.94 9.89
C LEU A 57 -13.20 16.96 11.40
N ILE A 58 -12.21 17.33 12.20
CA ILE A 58 -12.38 17.48 13.64
C ILE A 58 -13.36 18.62 13.93
N ALA A 59 -13.20 19.71 13.21
CA ALA A 59 -14.08 20.89 13.37
C ALA A 59 -15.52 20.53 13.03
N ARG A 60 -15.69 19.69 12.01
N ARG A 60 -15.71 19.64 12.07
CA ARG A 60 -17.00 19.16 11.54
CA ARG A 60 -17.04 19.19 11.65
C ARG A 60 -17.60 18.17 12.52
C ARG A 60 -17.64 18.02 12.44
N LYS A 61 -16.76 17.73 13.44
N LYS A 61 -16.92 17.53 13.45
CA LYS A 61 -17.11 16.69 14.43
CA LYS A 61 -17.45 16.50 14.36
C LYS A 61 -17.63 15.39 13.81
C LYS A 61 -17.80 15.25 13.68
N VAL A 62 -16.97 14.88 12.73
CA VAL A 62 -17.26 13.62 12.15
C VAL A 62 -17.05 12.50 13.21
N ASP A 63 -17.64 11.34 13.01
CA ASP A 63 -17.58 10.25 14.00
C ASP A 63 -16.29 9.44 13.91
N ALA A 64 -15.78 9.24 12.70
CA ALA A 64 -14.56 8.46 12.49
C ALA A 64 -13.81 9.00 11.28
N ILE A 65 -12.49 9.02 11.40
CA ILE A 65 -11.55 9.44 10.33
C ILE A 65 -10.68 8.21 10.05
N THR A 66 -10.57 7.79 8.79
CA THR A 66 -9.70 6.71 8.44
C THR A 66 -8.74 7.27 7.39
N ILE A 67 -7.53 6.73 7.29
CA ILE A 67 -6.48 7.37 6.51
C ILE A 67 -5.35 6.43 6.18
N VAL A 68 -4.79 6.63 4.98
CA VAL A 68 -3.52 6.00 4.55
C VAL A 68 -2.42 7.07 4.67
N PRO A 69 -1.66 7.06 5.78
CA PRO A 69 -0.77 8.19 6.02
C PRO A 69 0.40 8.33 5.07
N ASN A 70 0.71 9.56 4.70
CA ASN A 70 1.97 9.81 3.97
C ASN A 70 3.18 9.81 4.92
N ASP A 71 2.95 10.07 6.19
CA ASP A 71 4.06 10.12 7.20
C ASP A 71 3.41 9.93 8.56
N ALA A 72 3.76 8.86 9.27
CA ALA A 72 3.14 8.52 10.54
C ALA A 72 3.40 9.58 11.58
N ASN A 73 4.62 10.08 11.65
CA ASN A 73 4.99 11.02 12.69
C ASN A 73 4.45 12.39 12.49
N VAL A 74 4.39 12.87 11.26
CA VAL A 74 3.83 14.17 11.04
C VAL A 74 2.38 14.24 11.51
N LEU A 75 1.66 13.15 11.37
N LEU A 75 1.68 13.12 11.38
CA LEU A 75 0.22 13.13 11.69
CA LEU A 75 0.22 13.05 11.66
C LEU A 75 -0.10 12.90 13.16
C LEU A 75 -0.13 12.71 13.11
N GLU A 76 0.88 12.48 13.95
CA GLU A 76 0.59 12.10 15.34
C GLU A 76 -0.12 13.21 16.13
N PRO A 77 0.33 14.45 16.07
CA PRO A 77 -0.34 15.43 16.91
C PRO A 77 -1.80 15.59 16.53
N VAL A 78 -2.14 15.64 15.25
CA VAL A 78 -3.54 15.82 14.84
C VAL A 78 -4.35 14.59 15.10
N PHE A 79 -3.76 13.40 15.04
CA PHE A 79 -4.46 12.19 15.41
C PHE A 79 -4.79 12.23 16.91
N LYS A 80 -3.87 12.75 17.72
N LYS A 80 -3.83 12.65 17.73
CA LYS A 80 -4.14 12.82 19.16
CA LYS A 80 -4.06 12.78 19.17
C LYS A 80 -5.23 13.89 19.40
C LYS A 80 -5.29 13.63 19.42
N LYS A 81 -5.23 14.94 18.58
N LYS A 81 -5.28 14.83 18.79
CA LYS A 81 -6.26 15.97 18.70
CA LYS A 81 -6.37 15.81 18.89
C LYS A 81 -7.64 15.40 18.39
C LYS A 81 -7.69 15.18 18.53
N ALA A 82 -7.73 14.49 17.40
CA ALA A 82 -8.97 13.84 17.03
C ALA A 82 -9.41 12.89 18.12
N ARG A 83 -8.52 12.07 18.64
CA ARG A 83 -8.88 11.13 19.69
C ARG A 83 -9.37 11.87 20.92
N ASP A 84 -8.68 12.90 21.28
CA ASP A 84 -9.03 13.71 22.46
C ASP A 84 -10.43 14.33 22.28
N ALA A 85 -10.82 14.63 21.03
CA ALA A 85 -12.16 15.13 20.68
C ALA A 85 -13.23 14.04 20.63
N GLY A 86 -12.87 12.79 20.83
CA GLY A 86 -13.81 11.70 20.79
C GLY A 86 -14.08 11.10 19.43
N ILE A 87 -13.15 11.30 18.49
CA ILE A 87 -13.29 10.81 17.13
C ILE A 87 -12.41 9.55 16.95
N VAL A 88 -12.97 8.52 16.41
CA VAL A 88 -12.23 7.30 16.10
C VAL A 88 -11.21 7.60 14.96
N VAL A 89 -9.96 7.14 15.09
CA VAL A 89 -8.91 7.32 14.09
C VAL A 89 -8.43 5.92 13.69
N LEU A 90 -8.56 5.54 12.43
CA LEU A 90 -8.08 4.29 11.92
C LEU A 90 -7.08 4.55 10.79
N THR A 91 -6.03 3.74 10.74
CA THR A 91 -5.09 3.79 9.62
C THR A 91 -5.12 2.50 8.86
N ASN A 92 -4.67 2.63 7.60
CA ASN A 92 -4.25 1.53 6.73
C ASN A 92 -2.83 1.90 6.29
N GLU A 93 -1.92 0.94 6.22
N GLU A 93 -2.01 0.86 6.32
CA GLU A 93 -0.51 1.23 5.84
CA GLU A 93 -0.60 0.89 5.96
C GLU A 93 0.19 2.04 6.89
C GLU A 93 0.19 1.81 6.87
N SER A 94 -0.15 1.81 8.18
CA SER A 94 0.64 2.45 9.24
C SER A 94 0.66 1.60 10.50
N PRO A 95 1.16 0.36 10.40
CA PRO A 95 1.13 -0.49 11.60
C PRO A 95 1.93 0.16 12.71
N GLY A 96 1.36 0.16 13.92
CA GLY A 96 2.00 0.78 15.04
C GLY A 96 1.78 2.26 15.22
N GLN A 97 0.94 2.87 14.38
CA GLN A 97 0.62 4.29 14.52
C GLN A 97 0.17 4.59 15.97
N PRO A 98 0.89 5.45 16.71
CA PRO A 98 0.59 5.44 18.14
C PRO A 98 -0.83 5.85 18.56
N SER A 99 -1.39 6.83 17.89
CA SER A 99 -2.70 7.40 18.29
C SER A 99 -3.87 6.83 17.49
N ALA A 100 -3.66 5.89 16.58
CA ALA A 100 -4.78 5.22 15.89
C ALA A 100 -5.43 4.22 16.80
N ASN A 101 -6.74 4.13 16.82
CA ASN A 101 -7.41 3.08 17.58
C ASN A 101 -6.91 1.74 17.10
N TRP A 102 -6.82 1.56 15.77
CA TRP A 102 -6.33 0.37 15.10
C TRP A 102 -5.75 0.73 13.78
N ASP A 103 -4.76 -0.07 13.36
CA ASP A 103 -4.29 -0.07 11.98
C ASP A 103 -4.85 -1.34 11.36
N VAL A 104 -5.28 -1.26 10.11
CA VAL A 104 -5.85 -2.35 9.38
C VAL A 104 -4.96 -2.65 8.18
N GLU A 105 -4.61 -3.92 7.98
CA GLU A 105 -3.80 -4.38 6.85
C GLU A 105 -4.50 -5.53 6.16
N ILE A 106 -4.31 -5.65 4.84
CA ILE A 106 -4.98 -6.58 3.99
C ILE A 106 -4.11 -7.78 3.61
N ILE A 107 -2.83 -7.71 3.99
CA ILE A 107 -1.92 -8.81 3.80
C ILE A 107 -1.06 -9.00 5.01
N ASP A 108 -0.52 -10.22 5.11
N ASP A 108 -0.31 -10.07 5.10
CA ASP A 108 0.51 -10.46 6.09
CA ASP A 108 0.66 -10.16 6.17
C ASP A 108 1.84 -10.08 5.50
C ASP A 108 2.06 -9.71 5.68
N ASN A 109 2.54 -9.25 6.22
N ASN A 109 2.65 -8.80 6.41
CA ASN A 109 3.76 -8.65 5.77
CA ASN A 109 3.91 -8.20 6.00
C ASN A 109 4.94 -9.62 5.63
C ASN A 109 4.95 -9.27 5.66
N GLU A 110 5.24 -10.34 6.66
N GLU A 110 4.94 -10.38 6.37
CA GLU A 110 6.24 -11.42 6.50
CA GLU A 110 6.06 -11.32 6.21
C GLU A 110 6.06 -12.15 5.16
C GLU A 110 5.89 -12.36 5.08
N LYS A 111 4.84 -12.62 4.95
N LYS A 111 4.70 -12.82 4.77
CA LYS A 111 4.48 -13.41 3.80
CA LYS A 111 4.55 -13.64 3.57
C LYS A 111 4.64 -12.66 2.46
C LYS A 111 4.54 -12.72 2.32
N PHE A 112 4.20 -11.42 2.48
CA PHE A 112 4.25 -10.53 1.33
C PHE A 112 5.70 -10.33 0.87
N ALA A 113 6.57 -10.00 1.81
CA ALA A 113 8.00 -9.87 1.50
C ALA A 113 8.56 -11.16 0.95
N ALA A 114 8.25 -12.30 1.57
CA ALA A 114 8.73 -13.57 1.09
C ALA A 114 8.30 -13.84 -0.31
N GLU A 115 7.05 -13.54 -0.64
N GLU A 115 7.04 -13.56 -0.64
CA GLU A 115 6.54 -13.83 -1.95
CA GLU A 115 6.57 -13.85 -1.98
C GLU A 115 7.29 -13.01 -3.02
C GLU A 115 7.33 -13.02 -3.02
N TYR A 116 7.55 -11.74 -2.72
CA TYR A 116 8.37 -10.95 -3.61
C TYR A 116 9.70 -11.65 -3.89
N VAL A 117 10.40 -11.98 -2.84
CA VAL A 117 11.76 -12.49 -3.06
C VAL A 117 11.71 -13.85 -3.77
N GLU A 118 10.79 -14.74 -3.39
CA GLU A 118 10.77 -16.05 -4.03
C GLU A 118 10.44 -15.93 -5.51
N HIS A 119 9.49 -15.05 -5.86
CA HIS A 119 9.17 -14.88 -7.24
C HIS A 119 10.37 -14.29 -8.00
N MSE A 120 11.00 -13.27 -7.42
N MSE A 120 11.01 -13.31 -7.37
CA MSE A 120 12.19 -12.67 -8.05
CA MSE A 120 12.15 -12.64 -7.97
C MSE A 120 13.32 -13.68 -8.22
C MSE A 120 13.29 -13.63 -8.19
O MSE A 120 13.95 -13.77 -9.29
O MSE A 120 13.87 -13.68 -9.28
CB MSE A 120 12.74 -11.54 -7.18
CB MSE A 120 12.62 -11.51 -7.04
CG MSE A 120 11.86 -10.32 -7.03
CG MSE A 120 13.24 -10.31 -7.74
SE MSE A 120 12.19 -9.29 -5.40
SE MSE A 120 13.72 -8.82 -6.57
CE MSE A 120 13.83 -8.36 -5.85
CE MSE A 120 15.54 -9.33 -6.12
N ALA A 121 13.57 -14.42 -7.16
CA ALA A 121 14.70 -15.38 -7.13
C ALA A 121 14.54 -16.46 -8.17
N LYS A 122 13.33 -16.97 -8.31
CA LYS A 122 13.11 -18.05 -9.27
C LYS A 122 13.50 -17.60 -10.65
N ARG A 123 13.06 -16.40 -11.05
CA ARG A 123 13.31 -15.94 -12.39
C ARG A 123 14.76 -15.60 -12.64
N MSE A 124 15.52 -15.19 -11.65
N MSE A 124 15.44 -15.17 -11.59
CA MSE A 124 16.93 -14.90 -11.92
CA MSE A 124 16.85 -14.75 -11.58
C MSE A 124 17.89 -15.93 -11.35
C MSE A 124 17.84 -15.91 -11.45
O MSE A 124 19.09 -15.70 -11.15
O MSE A 124 19.02 -15.72 -11.77
CB MSE A 124 17.27 -13.51 -11.44
CB MSE A 124 17.08 -13.71 -10.44
CG MSE A 124 17.29 -13.41 -9.93
CG MSE A 124 16.53 -12.33 -10.68
SE MSE A 124 17.98 -11.67 -9.36
SE MSE A 124 16.42 -11.14 -9.12
CE MSE A 124 16.32 -10.74 -9.64
CE MSE A 124 18.34 -10.73 -8.88
N GLY A 125 17.36 -17.09 -11.04
CA GLY A 125 18.22 -18.20 -10.60
C GLY A 125 18.91 -17.88 -9.28
N GLY A 126 18.32 -17.01 -8.47
CA GLY A 126 18.87 -16.70 -7.18
C GLY A 126 20.11 -15.82 -7.14
N LYS A 127 20.40 -15.16 -8.26
N LYS A 127 20.43 -15.16 -8.22
CA LYS A 127 21.62 -14.37 -8.43
CA LYS A 127 21.57 -14.28 -8.19
C LYS A 127 21.36 -13.11 -9.26
C LYS A 127 21.27 -13.11 -9.08
N GLY A 128 21.89 -12.00 -8.77
CA GLY A 128 21.75 -10.79 -9.57
C GLY A 128 21.34 -9.59 -8.73
N GLY A 129 21.24 -8.47 -9.43
CA GLY A 129 20.90 -7.22 -8.78
C GLY A 129 19.40 -6.90 -8.87
N TYR A 130 18.96 -6.14 -7.89
CA TYR A 130 17.59 -5.64 -7.85
C TYR A 130 17.56 -4.27 -7.23
N VAL A 131 16.45 -3.57 -7.38
CA VAL A 131 16.24 -2.29 -6.71
C VAL A 131 14.81 -2.18 -6.25
N ILE A 132 14.61 -1.37 -5.22
CA ILE A 132 13.27 -1.17 -4.64
C ILE A 132 12.90 0.30 -4.78
N TYR A 133 11.70 0.56 -5.24
CA TYR A 133 11.14 1.90 -5.29
C TYR A 133 10.07 1.98 -4.20
N VAL A 134 10.12 3.05 -3.40
CA VAL A 134 9.20 3.40 -2.36
C VAL A 134 8.59 4.78 -2.66
N GLY A 135 7.41 5.05 -2.08
CA GLY A 135 6.76 6.32 -2.37
C GLY A 135 7.51 7.52 -1.86
N SER A 136 8.15 7.39 -0.72
CA SER A 136 9.02 8.43 -0.15
C SER A 136 9.90 7.74 0.85
N LEU A 137 10.87 8.52 1.35
CA LEU A 137 11.78 7.98 2.34
C LEU A 137 11.22 7.88 3.74
N THR A 138 10.01 8.42 3.93
CA THR A 138 9.38 8.29 5.24
C THR A 138 8.03 7.57 5.25
N VAL A 139 7.45 7.22 4.12
CA VAL A 139 6.13 6.62 4.15
C VAL A 139 6.21 5.31 4.90
N PRO A 140 5.30 4.99 5.85
CA PRO A 140 5.65 3.95 6.78
C PRO A 140 5.65 2.58 6.18
N GLN A 141 4.57 2.17 5.54
CA GLN A 141 4.47 0.81 5.14
C GLN A 141 5.41 0.41 4.00
N HIS A 142 5.57 1.27 2.99
CA HIS A 142 6.50 0.92 1.95
C HIS A 142 7.86 0.57 2.52
N ASN A 143 8.30 1.39 3.46
CA ASN A 143 9.63 1.19 4.06
C ASN A 143 9.73 -0.03 4.94
N LEU A 144 8.63 -0.39 5.62
CA LEU A 144 8.64 -1.61 6.40
C LEU A 144 8.69 -2.80 5.47
N TRP A 145 7.91 -2.80 4.40
CA TRP A 145 7.94 -3.88 3.42
C TRP A 145 9.32 -3.99 2.79
N ALA A 146 9.93 -2.86 2.42
CA ALA A 146 11.26 -2.91 1.82
C ALA A 146 12.26 -3.49 2.80
N ASP A 147 12.22 -3.09 4.06
CA ASP A 147 13.13 -3.63 5.05
C ASP A 147 13.01 -5.14 5.11
N LEU A 148 11.78 -5.63 5.14
N LEU A 148 11.78 -5.63 5.08
CA LEU A 148 11.58 -7.07 5.26
CA LEU A 148 11.55 -7.05 5.28
C LEU A 148 12.01 -7.81 4.02
C LEU A 148 11.95 -7.84 4.04
N LEU A 149 11.79 -7.23 2.86
CA LEU A 149 12.18 -7.86 1.63
C LEU A 149 13.69 -8.03 1.60
N VAL A 150 14.45 -7.00 1.97
CA VAL A 150 15.89 -7.10 1.94
C VAL A 150 16.38 -8.12 2.96
N LYS A 151 15.80 -8.08 4.14
N LYS A 151 15.82 -8.09 4.15
CA LYS A 151 16.18 -9.03 5.20
CA LYS A 151 16.20 -9.08 5.18
C LYS A 151 15.91 -10.47 4.74
C LYS A 151 15.95 -10.50 4.65
N TYR A 152 14.76 -10.73 4.14
CA TYR A 152 14.42 -12.06 3.63
C TYR A 152 15.46 -12.43 2.56
N GLN A 153 15.74 -11.55 1.62
CA GLN A 153 16.71 -11.82 0.59
C GLN A 153 18.06 -12.24 1.15
N LYS A 154 18.55 -11.48 2.11
CA LYS A 154 19.85 -11.78 2.68
C LYS A 154 19.96 -13.10 3.43
N GLU A 155 18.79 -13.59 3.88
N GLU A 155 18.84 -13.63 3.89
CA GLU A 155 18.64 -14.85 4.63
CA GLU A 155 18.89 -14.86 4.62
C GLU A 155 18.38 -16.04 3.74
C GLU A 155 18.35 -16.02 3.74
N HIS A 156 18.17 -15.81 2.45
CA HIS A 156 17.80 -16.87 1.52
C HIS A 156 18.70 -16.97 0.31
N TYR A 157 18.98 -15.81 -0.33
CA TYR A 157 19.68 -15.80 -1.63
C TYR A 157 20.86 -14.83 -1.52
N PRO A 158 21.97 -15.25 -0.97
CA PRO A 158 23.08 -14.33 -0.77
C PRO A 158 23.67 -13.76 -2.04
N ASP A 159 23.45 -14.38 -3.18
CA ASP A 159 23.98 -13.90 -4.45
C ASP A 159 23.12 -12.84 -5.12
N MSE A 160 21.99 -12.51 -4.50
CA MSE A 160 21.23 -11.32 -4.90
C MSE A 160 21.70 -10.13 -4.09
O MSE A 160 22.25 -10.26 -2.98
CB MSE A 160 19.75 -11.55 -4.62
CG MSE A 160 19.10 -12.62 -5.44
SE MSE A 160 17.24 -13.05 -5.03
CE MSE A 160 16.41 -11.35 -5.49
N HIS A 161 21.47 -8.94 -4.64
CA HIS A 161 21.85 -7.71 -3.92
C HIS A 161 21.16 -6.51 -4.49
N GLU A 162 20.89 -5.55 -3.61
CA GLU A 162 20.38 -4.26 -4.04
C GLU A 162 21.48 -3.55 -4.79
N VAL A 163 21.20 -2.99 -5.93
CA VAL A 163 22.23 -2.31 -6.71
C VAL A 163 22.44 -0.92 -6.12
N THR A 164 21.39 -0.31 -5.53
CA THR A 164 21.44 1.01 -4.87
C THR A 164 20.48 0.92 -3.69
N ARG A 165 20.60 1.78 -2.71
N ARG A 165 20.53 1.97 -2.87
CA ARG A 165 19.53 1.86 -1.73
CA ARG A 165 19.56 2.19 -1.83
C ARG A 165 18.22 2.30 -2.42
C ARG A 165 18.19 2.34 -2.47
N ARG A 166 17.14 2.09 -1.69
CA ARG A 166 15.79 2.29 -2.20
C ARG A 166 15.57 3.72 -2.68
N MSE A 167 14.77 3.86 -3.71
N MSE A 167 14.82 3.85 -3.75
CA MSE A 167 14.60 5.13 -4.40
CA MSE A 167 14.59 5.13 -4.43
C MSE A 167 13.18 5.65 -4.25
C MSE A 167 13.19 5.63 -4.19
O MSE A 167 12.20 4.94 -4.56
O MSE A 167 12.22 4.88 -4.41
CB MSE A 167 14.98 4.97 -5.86
CB MSE A 167 14.78 4.95 -5.93
CG MSE A 167 16.43 4.54 -6.03
CG MSE A 167 16.22 4.67 -6.31
SE MSE A 167 17.68 5.96 -5.52
SE MSE A 167 17.36 6.24 -6.22
CE MSE A 167 19.39 5.22 -5.36
CE MSE A 167 16.31 7.44 -7.31
N PRO A 168 13.05 6.91 -3.81
CA PRO A 168 11.71 7.47 -3.47
C PRO A 168 11.01 8.01 -4.66
N VAL A 169 10.66 7.11 -5.58
CA VAL A 169 10.13 7.47 -6.88
C VAL A 169 8.79 6.78 -7.23
N ALA A 170 8.30 5.94 -6.35
CA ALA A 170 7.23 4.97 -6.69
C ALA A 170 5.88 5.56 -6.95
N GLU A 171 5.66 6.81 -6.57
CA GLU A 171 4.35 7.44 -6.84
C GLU A 171 4.36 8.24 -8.16
N SER A 172 5.48 8.27 -8.84
CA SER A 172 5.63 9.05 -10.07
C SER A 172 6.01 8.13 -11.25
N VAL A 173 5.20 8.15 -12.32
CA VAL A 173 5.56 7.43 -13.54
C VAL A 173 6.87 8.01 -14.07
N ASP A 174 7.02 9.33 -14.19
CA ASP A 174 8.26 9.97 -14.69
C ASP A 174 9.46 9.57 -13.96
N ASP A 175 9.44 9.77 -12.64
CA ASP A 175 10.57 9.54 -11.83
C ASP A 175 10.93 8.03 -11.87
N SER A 176 9.91 7.18 -11.83
N SER A 176 9.94 7.14 -11.90
CA SER A 176 10.15 5.71 -11.89
CA SER A 176 10.26 5.70 -11.90
C SER A 176 10.83 5.34 -13.24
C SER A 176 10.76 5.22 -13.29
N ARG A 177 10.29 5.87 -14.33
CA ARG A 177 10.87 5.62 -15.68
C ARG A 177 12.32 6.09 -15.76
N ARG A 178 12.58 7.33 -15.38
CA ARG A 178 13.92 7.88 -15.41
C ARG A 178 14.90 7.05 -14.62
N THR A 179 14.49 6.72 -13.39
CA THR A 179 15.33 5.96 -12.51
C THR A 179 15.65 4.57 -13.16
N THR A 180 14.63 3.96 -13.75
CA THR A 180 14.83 2.64 -14.34
C THR A 180 15.79 2.69 -15.53
N LEU A 181 15.66 3.72 -16.37
CA LEU A 181 16.59 3.89 -17.48
C LEU A 181 17.96 4.08 -16.97
N ASP A 182 18.15 4.93 -15.97
CA ASP A 182 19.47 5.16 -15.41
C ASP A 182 20.10 3.90 -14.83
N LEU A 183 19.31 3.17 -14.04
CA LEU A 183 19.86 2.00 -13.38
C LEU A 183 20.19 0.88 -14.37
N MSE A 184 19.35 0.72 -15.39
CA MSE A 184 19.67 -0.30 -16.41
C MSE A 184 20.98 0.02 -17.11
O MSE A 184 21.77 -0.89 -17.39
CB MSE A 184 18.55 -0.42 -17.43
CG MSE A 184 17.37 -1.18 -16.93
SE MSE A 184 16.02 -1.57 -18.26
CE MSE A 184 15.63 0.23 -18.80
N LYS A 185 21.21 1.31 -17.38
CA LYS A 185 22.48 1.67 -18.03
C LYS A 185 23.66 1.45 -17.11
N THR A 186 23.49 1.73 -15.83
CA THR A 186 24.57 1.66 -14.88
C THR A 186 24.95 0.28 -14.42
N TYR A 187 23.93 -0.60 -14.27
CA TYR A 187 24.13 -1.92 -13.63
C TYR A 187 23.73 -3.04 -14.58
N PRO A 188 24.72 -3.62 -15.28
CA PRO A 188 24.37 -4.63 -16.26
C PRO A 188 23.79 -5.86 -15.59
N ASP A 189 24.02 -6.05 -14.30
N ASP A 189 24.03 -6.07 -14.32
CA ASP A 189 23.46 -7.20 -13.58
CA ASP A 189 23.44 -7.21 -13.63
C ASP A 189 22.14 -6.89 -12.88
C ASP A 189 22.12 -6.92 -12.92
N LEU A 190 21.52 -5.76 -13.16
CA LEU A 190 20.17 -5.48 -12.65
C LEU A 190 19.20 -6.38 -13.37
N LYS A 191 18.46 -7.18 -12.58
CA LYS A 191 17.52 -8.14 -13.15
C LYS A 191 16.11 -7.95 -12.66
N ALA A 192 15.86 -7.12 -11.65
CA ALA A 192 14.49 -6.93 -11.11
C ALA A 192 14.33 -5.57 -10.50
N VAL A 193 13.20 -4.93 -10.82
CA VAL A 193 12.76 -3.68 -10.21
C VAL A 193 11.51 -3.98 -9.42
N VAL A 194 11.46 -3.62 -8.16
CA VAL A 194 10.31 -3.79 -7.27
C VAL A 194 9.75 -2.41 -6.91
N SER A 195 8.45 -2.20 -7.03
CA SER A 195 7.84 -0.94 -6.61
C SER A 195 6.66 -1.14 -5.73
N PHE A 196 6.70 -0.52 -4.56
CA PHE A 196 5.58 -0.59 -3.63
C PHE A 196 4.56 0.49 -3.84
N GLY A 197 4.87 1.47 -4.68
CA GLY A 197 3.91 2.46 -5.15
C GLY A 197 3.31 1.98 -6.48
N SER A 198 2.05 2.32 -6.76
CA SER A 198 1.35 1.79 -7.91
C SER A 198 1.73 2.41 -9.24
N ASN A 199 2.35 3.59 -9.27
CA ASN A 199 2.79 4.18 -10.52
C ASN A 199 4.16 3.66 -10.91
N GLY A 200 4.91 3.11 -9.96
CA GLY A 200 6.28 2.63 -10.21
C GLY A 200 6.37 1.56 -11.29
N PRO A 201 5.50 0.53 -11.24
CA PRO A 201 5.62 -0.49 -12.29
C PRO A 201 5.30 0.08 -13.67
N ILE A 202 4.49 1.12 -13.73
CA ILE A 202 4.17 1.72 -15.02
C ILE A 202 5.39 2.41 -15.56
N GLY A 203 6.04 3.26 -14.79
CA GLY A 203 7.21 3.86 -15.24
C GLY A 203 8.34 2.88 -15.55
N ALA A 204 8.57 1.93 -14.66
CA ALA A 204 9.62 0.93 -14.89
C ALA A 204 9.30 0.10 -16.10
N GLY A 205 8.08 -0.35 -16.23
CA GLY A 205 7.66 -1.16 -17.37
C GLY A 205 7.87 -0.40 -18.67
N ARG A 206 7.55 0.89 -18.71
CA ARG A 206 7.78 1.69 -19.92
C ARG A 206 9.23 1.79 -20.24
N ALA A 207 10.10 1.93 -19.25
CA ALA A 207 11.53 1.95 -19.50
C ALA A 207 12.02 0.63 -20.07
N VAL A 208 11.57 -0.46 -19.47
CA VAL A 208 11.96 -1.80 -19.93
C VAL A 208 11.50 -1.97 -21.37
N LYS A 209 10.29 -1.54 -21.67
CA LYS A 209 9.79 -1.64 -23.05
C LYS A 209 10.61 -0.84 -24.04
N GLU A 210 10.93 0.38 -23.68
N GLU A 210 10.98 0.40 -23.73
CA GLU A 210 11.71 1.24 -24.56
CA GLU A 210 11.75 1.20 -24.72
C GLU A 210 13.04 0.60 -24.92
C GLU A 210 13.20 0.73 -24.88
N LYS A 211 13.75 0.08 -23.92
N LYS A 211 13.64 -0.13 -23.98
CA LYS A 211 15.03 -0.57 -24.14
CA LYS A 211 14.99 -0.65 -24.06
C LYS A 211 14.97 -2.06 -24.58
C LYS A 211 14.96 -2.12 -24.47
N ARG A 212 13.79 -2.57 -24.79
CA ARG A 212 13.60 -3.96 -25.24
C ARG A 212 14.28 -4.92 -24.29
N ALA A 213 14.08 -4.72 -22.99
CA ALA A 213 14.82 -5.39 -21.94
C ALA A 213 14.07 -6.40 -21.17
N LYS A 214 12.84 -6.76 -21.54
CA LYS A 214 12.01 -7.59 -20.69
C LYS A 214 12.54 -9.01 -20.43
N ASN A 215 13.39 -9.54 -21.31
CA ASN A 215 13.97 -10.86 -21.06
C ASN A 215 14.85 -10.76 -19.81
N LYS A 216 15.67 -9.77 -19.66
N LYS A 216 15.65 -9.70 -19.74
CA LYS A 216 16.52 -9.79 -18.48
CA LYS A 216 16.69 -9.45 -18.70
C LYS A 216 16.02 -8.99 -17.28
C LYS A 216 16.30 -8.72 -17.42
N VAL A 217 15.26 -7.90 -17.49
CA VAL A 217 14.87 -7.00 -16.38
C VAL A 217 13.41 -7.18 -16.11
N ALA A 218 13.10 -7.81 -14.98
CA ALA A 218 11.73 -8.04 -14.52
C ALA A 218 11.23 -6.86 -13.71
N VAL A 219 9.92 -6.68 -13.70
CA VAL A 219 9.30 -5.58 -12.95
C VAL A 219 8.19 -6.17 -12.15
N TYR A 220 8.20 -5.97 -10.82
CA TYR A 220 7.21 -6.46 -9.87
C TYR A 220 6.66 -5.30 -9.05
N GLY A 221 5.42 -5.38 -8.62
CA GLY A 221 4.99 -4.35 -7.66
C GLY A 221 3.53 -4.38 -7.32
N MSE A 222 3.17 -3.33 -6.61
CA MSE A 222 1.77 -2.98 -6.32
C MSE A 222 1.18 -2.32 -7.55
O MSE A 222 1.86 -1.55 -8.24
CB MSE A 222 1.79 -1.99 -5.15
CG MSE A 222 2.26 -2.62 -3.87
SE MSE A 222 0.84 -3.34 -2.79
CE MSE A 222 0.12 -1.66 -2.10
N MSE A 223 -0.07 -2.60 -7.86
CA MSE A 223 -0.68 -2.01 -9.08
C MSE A 223 -2.18 -2.23 -9.08
O MSE A 223 -2.69 -3.13 -8.43
CB MSE A 223 -0.10 -2.65 -10.34
CG MSE A 223 -0.34 -4.16 -10.46
SE MSE A 223 0.66 -5.08 -11.85
CE MSE A 223 2.39 -4.59 -11.14
N ILE A 224 -2.84 -1.39 -9.87
CA ILE A 224 -4.22 -1.64 -10.26
C ILE A 224 -4.10 -2.36 -11.62
N PRO A 225 -4.67 -3.56 -11.69
CA PRO A 225 -4.55 -4.37 -12.91
C PRO A 225 -4.91 -3.63 -14.21
N SER A 226 -6.03 -2.91 -14.24
CA SER A 226 -6.40 -2.22 -15.45
C SER A 226 -5.41 -1.17 -15.89
N GLN A 227 -4.79 -0.47 -14.94
CA GLN A 227 -3.80 0.53 -15.26
C GLN A 227 -2.54 -0.13 -15.86
N ALA A 228 -2.21 -1.28 -15.30
CA ALA A 228 -0.99 -2.02 -15.70
C ALA A 228 -1.22 -2.99 -16.89
N ALA A 229 -2.48 -3.12 -17.34
CA ALA A 229 -2.82 -4.17 -18.29
C ALA A 229 -2.00 -4.19 -19.59
N SER A 230 -1.75 -3.06 -20.19
CA SER A 230 -1.05 -3.02 -21.47
C SER A 230 0.36 -3.61 -21.26
N LEU A 231 1.04 -3.15 -20.23
CA LEU A 231 2.40 -3.63 -19.91
C LEU A 231 2.45 -5.04 -19.37
N ILE A 232 1.47 -5.51 -18.63
CA ILE A 232 1.41 -6.91 -18.28
C ILE A 232 1.29 -7.76 -19.58
N LYS A 233 0.45 -7.30 -20.47
CA LYS A 233 0.16 -8.11 -21.67
C LYS A 233 1.37 -8.13 -22.57
N SER A 234 2.16 -7.07 -22.65
CA SER A 234 3.35 -7.04 -23.48
C SER A 234 4.56 -7.65 -22.74
N GLY A 235 4.38 -8.02 -21.47
CA GLY A 235 5.43 -8.69 -20.68
C GLY A 235 6.46 -7.75 -20.06
N ASP A 236 6.25 -6.46 -20.18
CA ASP A 236 7.16 -5.43 -19.65
C ASP A 236 6.96 -5.25 -18.14
N ILE A 237 5.78 -5.53 -17.64
CA ILE A 237 5.57 -5.77 -16.20
C ILE A 237 5.46 -7.26 -16.03
N THR A 238 6.25 -7.86 -15.17
CA THR A 238 6.30 -9.30 -15.02
C THR A 238 5.16 -9.75 -14.20
N GLU A 239 4.92 -9.18 -13.04
CA GLU A 239 3.87 -9.63 -12.15
C GLU A 239 3.51 -8.58 -11.12
N GLY A 240 2.22 -8.46 -10.79
CA GLY A 240 1.82 -7.70 -9.64
C GLY A 240 1.73 -8.59 -8.42
N ILE A 241 2.20 -8.13 -7.29
CA ILE A 241 2.07 -8.83 -6.01
C ILE A 241 1.47 -7.76 -5.12
N THR A 242 0.16 -7.83 -4.89
CA THR A 242 -0.56 -6.64 -4.45
C THR A 242 -1.81 -7.10 -3.71
N TYR A 243 -2.78 -6.21 -3.62
CA TYR A 243 -4.08 -6.52 -3.02
C TYR A 243 -5.04 -5.48 -3.57
N ASP A 244 -6.32 -5.75 -3.42
CA ASP A 244 -7.40 -4.87 -3.86
C ASP A 244 -7.63 -3.75 -2.84
N PRO A 245 -7.29 -2.49 -3.20
CA PRO A 245 -7.46 -1.47 -2.17
C PRO A 245 -8.93 -1.15 -1.83
N ALA A 246 -9.88 -1.58 -2.67
CA ALA A 246 -11.27 -1.45 -2.27
C ALA A 246 -11.51 -2.24 -1.01
N THR A 247 -10.82 -3.34 -0.83
N THR A 247 -10.84 -3.37 -0.86
CA THR A 247 -11.04 -4.11 0.37
CA THR A 247 -10.98 -4.18 0.35
C THR A 247 -10.46 -3.41 1.59
C THR A 247 -10.48 -3.41 1.56
N ALA A 248 -9.37 -2.66 1.42
CA ALA A 248 -8.88 -1.84 2.49
C ALA A 248 -9.83 -0.74 2.88
N GLY A 249 -10.38 -0.04 1.89
CA GLY A 249 -11.35 1.04 2.13
C GLY A 249 -12.57 0.51 2.86
N TYR A 250 -13.06 -0.62 2.40
CA TYR A 250 -14.21 -1.28 3.01
C TYR A 250 -13.90 -1.68 4.43
N ALA A 251 -12.74 -2.34 4.63
CA ALA A 251 -12.42 -2.81 5.96
C ALA A 251 -12.28 -1.68 6.94
N LEU A 252 -11.66 -0.58 6.56
CA LEU A 252 -11.56 0.57 7.44
C LEU A 252 -12.93 1.05 7.91
N ALA A 253 -13.84 1.20 6.95
CA ALA A 253 -15.18 1.69 7.30
C ALA A 253 -15.97 0.65 8.11
N ALA A 254 -15.74 -0.60 7.87
CA ALA A 254 -16.39 -1.67 8.62
C ALA A 254 -15.90 -1.69 10.07
N VAL A 255 -14.60 -1.52 10.28
CA VAL A 255 -14.05 -1.47 11.63
C VAL A 255 -14.57 -0.22 12.31
N ALA A 256 -14.64 0.92 11.61
CA ALA A 256 -15.19 2.13 12.22
C ALA A 256 -16.63 1.88 12.69
N SER A 257 -17.40 1.22 11.86
CA SER A 257 -18.81 0.89 12.22
C SER A 257 -18.89 0.09 13.51
N THR A 258 -18.03 -0.91 13.63
CA THR A 258 -17.97 -1.77 14.82
C THR A 258 -17.71 -0.92 16.03
N LEU A 259 -16.69 -0.08 15.97
CA LEU A 259 -16.36 0.74 17.10
C LEU A 259 -17.44 1.76 17.44
N LEU A 260 -18.04 2.37 16.43
CA LEU A 260 -19.06 3.39 16.67
C LEU A 260 -20.33 2.79 17.22
N ASN A 261 -20.49 1.50 17.05
CA ASN A 261 -21.68 0.77 17.58
C ASN A 261 -21.40 0.24 18.97
N GLY A 262 -20.25 0.61 19.51
CA GLY A 262 -19.91 0.30 20.90
C GLY A 262 -19.30 -1.05 21.12
N LYS A 263 -18.92 -1.75 20.05
CA LYS A 263 -18.30 -3.05 20.19
C LYS A 263 -16.79 -2.92 20.25
N THR A 264 -16.14 -3.90 20.86
N THR A 264 -16.15 -3.88 20.89
CA THR A 264 -14.69 -3.88 21.06
CA THR A 264 -14.70 -3.88 20.96
C THR A 264 -14.02 -4.98 20.26
C THR A 264 -14.18 -4.82 19.90
N ILE A 265 -12.90 -4.65 19.61
CA ILE A 265 -12.22 -5.56 18.70
C ILE A 265 -11.20 -6.37 19.46
N GLU A 266 -11.21 -7.68 19.22
CA GLU A 266 -10.34 -8.63 19.92
C GLU A 266 -10.11 -9.82 19.03
N PRO A 267 -9.09 -10.63 19.34
CA PRO A 267 -8.87 -11.80 18.49
C PRO A 267 -10.17 -12.58 18.38
N GLY A 268 -10.53 -12.92 17.15
CA GLY A 268 -11.77 -13.60 16.88
C GLY A 268 -12.63 -12.70 15.99
N PHE A 269 -12.26 -11.42 15.92
CA PHE A 269 -12.91 -10.46 15.03
C PHE A 269 -12.99 -11.00 13.60
N GLU A 270 -14.15 -10.77 13.00
CA GLU A 270 -14.38 -11.21 11.63
C GLU A 270 -15.28 -10.21 10.89
N LEU A 271 -15.16 -10.16 9.57
CA LEU A 271 -16.10 -9.39 8.76
C LEU A 271 -16.75 -10.38 7.81
N LYS A 272 -18.07 -10.31 7.65
CA LYS A 272 -18.77 -11.29 6.80
C LYS A 272 -18.07 -11.37 5.45
N GLU A 273 -17.82 -10.20 4.84
CA GLU A 273 -17.34 -10.18 3.46
C GLU A 273 -15.87 -10.53 3.29
N LEU A 274 -15.13 -10.54 4.40
CA LEU A 274 -13.68 -10.75 4.36
C LEU A 274 -13.19 -12.00 5.13
N GLY A 275 -13.90 -12.37 6.19
CA GLY A 275 -13.45 -13.49 7.02
C GLY A 275 -12.82 -13.01 8.32
N LYS A 276 -12.05 -13.89 8.95
CA LYS A 276 -11.44 -13.56 10.22
C LYS A 276 -10.12 -12.85 9.98
N ALA A 277 -9.85 -11.90 10.86
CA ALA A 277 -8.62 -11.17 10.82
C ALA A 277 -7.77 -11.81 11.89
N GLU A 278 -6.48 -11.52 11.88
CA GLU A 278 -5.63 -11.72 13.05
C GLU A 278 -5.62 -10.39 13.75
N VAL A 279 -5.66 -10.36 15.06
CA VAL A 279 -5.69 -9.16 15.85
C VAL A 279 -4.60 -9.17 16.87
N ASP A 280 -3.68 -8.25 16.74
CA ASP A 280 -2.63 -8.00 17.69
C ASP A 280 -3.07 -6.85 18.61
N SER A 281 -3.55 -7.17 19.82
N SER A 281 -3.52 -7.17 19.82
CA SER A 281 -4.04 -6.15 20.78
CA SER A 281 -4.06 -6.15 20.74
C SER A 281 -2.93 -5.29 21.34
C SER A 281 -2.99 -5.39 21.49
N ASP A 282 -1.73 -5.82 21.36
CA ASP A 282 -0.63 -5.07 21.95
C ASP A 282 -0.25 -3.92 20.99
N LYS A 283 -0.21 -4.21 19.69
CA LYS A 283 0.19 -3.20 18.72
C LYS A 283 -1.03 -2.56 18.02
N HIS A 284 -2.22 -3.08 18.29
CA HIS A 284 -3.49 -2.63 17.70
C HIS A 284 -3.47 -2.70 16.19
N ILE A 285 -3.20 -3.90 15.69
CA ILE A 285 -3.18 -4.17 14.26
C ILE A 285 -4.15 -5.28 13.97
N ILE A 286 -5.00 -5.06 12.98
CA ILE A 286 -5.94 -6.03 12.44
C ILE A 286 -5.43 -6.43 11.06
N ARG A 287 -5.11 -7.71 10.85
N ARG A 287 -5.27 -7.72 10.80
CA ARG A 287 -4.59 -8.20 9.56
CA ARG A 287 -4.65 -8.14 9.56
C ARG A 287 -5.54 -9.24 8.91
C ARG A 287 -5.29 -9.32 8.84
N PHE A 288 -5.76 -9.03 7.63
CA PHE A 288 -6.38 -10.00 6.76
C PHE A 288 -5.29 -10.55 5.85
N HIS A 289 -5.61 -11.61 5.12
CA HIS A 289 -4.66 -12.26 4.26
C HIS A 289 -5.19 -12.40 2.83
N LYS A 290 -5.12 -11.30 2.08
CA LYS A 290 -5.76 -11.22 0.79
C LYS A 290 -4.79 -10.81 -0.33
N VAL A 291 -3.61 -11.40 -0.36
N VAL A 291 -3.60 -11.41 -0.36
CA VAL A 291 -2.67 -11.10 -1.43
CA VAL A 291 -2.68 -11.13 -1.48
C VAL A 291 -3.20 -11.55 -2.79
C VAL A 291 -3.38 -11.46 -2.77
N LEU A 292 -2.99 -10.71 -3.78
CA LEU A 292 -3.42 -10.87 -5.16
C LEU A 292 -2.20 -10.89 -6.08
N LEU A 293 -2.12 -11.92 -6.92
CA LEU A 293 -1.08 -12.02 -7.96
C LEU A 293 -1.68 -11.59 -9.28
N VAL A 294 -1.07 -10.70 -10.00
CA VAL A 294 -1.58 -10.17 -11.27
C VAL A 294 -0.61 -10.58 -12.37
N ASN A 295 -1.10 -11.45 -13.26
N ASN A 295 -1.16 -11.21 -13.40
CA ASN A 295 -0.30 -11.99 -14.35
CA ASN A 295 -0.33 -11.64 -14.51
C ASN A 295 -1.13 -12.05 -15.62
C ASN A 295 -1.12 -11.76 -15.79
N LYS A 296 -0.51 -12.39 -16.77
CA LYS A 296 -1.27 -12.52 -18.03
C LYS A 296 -2.46 -13.47 -17.87
N ASP A 297 -2.34 -14.46 -16.99
CA ASP A 297 -3.37 -15.53 -16.84
C ASP A 297 -4.64 -15.01 -16.20
N ASN A 298 -4.56 -13.96 -15.39
CA ASN A 298 -5.77 -13.47 -14.72
C ASN A 298 -6.05 -12.00 -14.92
N ILE A 299 -5.27 -11.35 -15.79
CA ILE A 299 -5.29 -9.88 -16.01
C ILE A 299 -6.68 -9.41 -16.41
N ASP A 300 -7.42 -10.29 -17.10
CA ASP A 300 -8.76 -9.92 -17.61
C ASP A 300 -9.84 -10.15 -16.57
N SER A 301 -9.49 -10.80 -15.47
CA SER A 301 -10.46 -11.15 -14.49
C SER A 301 -10.59 -10.05 -13.43
N LEU A 302 -9.80 -9.00 -13.65
N LEU A 302 -9.85 -8.96 -13.56
CA LEU A 302 -9.61 -7.92 -12.67
CA LEU A 302 -9.80 -8.01 -12.43
C LEU A 302 -9.94 -6.47 -13.09
C LEU A 302 -10.55 -6.68 -12.59
N TYR A 303 -9.93 -5.64 -12.06
CA TYR A 303 -10.47 -4.28 -12.05
C TYR A 303 -9.35 -3.30 -12.40
CL CL B . -8.43 9.72 -3.63
CL CL C . 1.27 2.05 -19.86
CL CL D . 6.60 7.82 -19.46
C1 GOL E . -0.11 1.97 -1.95
C1 GOL E . -0.52 2.85 -1.86
O1 GOL E . 0.85 1.59 -0.95
O1 GOL E . -0.47 3.79 -0.82
C2 GOL E . 0.49 2.99 -2.93
C2 GOL E . 0.23 3.42 -3.06
O2 GOL E . 0.98 4.15 -2.25
O2 GOL E . 1.52 3.89 -2.70
C3 GOL E . -0.39 3.44 -4.09
C3 GOL E . 0.35 2.32 -4.09
O3 GOL E . 0.37 3.97 -5.15
O3 GOL E . 0.53 1.07 -3.50
#